data_6WUK
#
_entry.id   6WUK
#
_cell.length_a   49.862
_cell.length_b   87.665
_cell.length_c   54.023
_cell.angle_alpha   90.000
_cell.angle_beta   112.240
_cell.angle_gamma   90.000
#
_symmetry.space_group_name_H-M   'P 1 21 1'
#
loop_
_entity.id
_entity.type
_entity.pdbx_description
1 polymer 'Decapping and exoribonuclease protein'
2 non-polymer 'COENZYME A'
3 water water
#
_entity_poly.entity_id   1
_entity_poly.type   'polypeptide(L)'
_entity_poly.pdbx_seq_one_letter_code
;MGSSHHHHHHSSGLVPRGSHMEPRGTKRKAEKTEVEKPLNKLPRAVPSLRTQPSLYSGPFPFYRRPSELGCFSLDAQRQY
HGDARALRYYSPPPINGPGPDFDLRDGYPDRYQPRDEEVQERLDHLLRWVLEHRNQLEGGPGWLAGATVTWRGHLTKLLT
TPYERQEGWQLAASRFQGTLYLSEVETPAARAQRLARPPLLRELMYMGYKFSQYMCADKPGGSPDPSGEVNTNVAYCSVL
RSRLGNHPLLFSGQVDCLNPQAPCTQPPSCYVQLKTSKEMHSPGQWRSFYRHKLLKWWAQSFLPGVPHVVAGFRNPEGFV
CSLKTFPTMEMFENVRNDREGWNPSVCMNFCAAFLSFAQSTVVQDDPRLVHLFSWEPGGPVTVSVHRDAPYAFLPSWYVE
TMTQDLPPLSKTPSPKD
;
_entity_poly.pdbx_strand_id   A
#
# COMPACT_ATOMS: atom_id res chain seq x y z
N PRO A 47 -1.64 7.57 27.91
CA PRO A 47 -1.73 8.30 26.65
C PRO A 47 -1.93 7.35 25.47
N SER A 48 -3.16 7.26 24.99
CA SER A 48 -3.50 6.33 23.93
C SER A 48 -4.46 7.04 22.97
N LEU A 49 -4.82 6.37 21.88
CA LEU A 49 -5.66 6.97 20.85
C LEU A 49 -6.81 6.02 20.52
N ARG A 50 -8.03 6.48 20.75
CA ARG A 50 -9.21 5.67 20.47
C ARG A 50 -9.44 5.59 18.96
N THR A 51 -10.10 4.51 18.54
CA THR A 51 -10.25 4.22 17.12
C THR A 51 -11.70 4.05 16.67
N GLN A 52 -12.68 4.31 17.52
CA GLN A 52 -14.08 4.09 17.16
C GLN A 52 -14.51 5.03 16.03
N PRO A 53 -15.21 4.52 15.02
CA PRO A 53 -15.62 5.39 13.89
C PRO A 53 -16.41 6.62 14.30
N SER A 54 -17.26 6.52 15.33
CA SER A 54 -18.09 7.66 15.71
C SER A 54 -17.25 8.87 16.10
N LEU A 55 -16.03 8.64 16.58
CA LEU A 55 -15.15 9.75 16.95
C LEU A 55 -14.62 10.52 15.74
N TYR A 56 -14.75 9.97 14.53
CA TYR A 56 -14.07 10.53 13.37
C TYR A 56 -15.04 10.82 12.22
N SER A 57 -16.34 10.95 12.52
N SER A 57 -16.34 10.94 12.52
CA SER A 57 -17.38 11.01 11.50
CA SER A 57 -17.38 11.01 11.50
C SER A 57 -17.66 12.42 10.99
C SER A 57 -17.67 12.43 11.00
N GLY A 58 -16.73 13.35 11.17
CA GLY A 58 -16.91 14.71 10.70
C GLY A 58 -16.72 14.87 9.19
N PRO A 59 -16.59 16.12 8.74
CA PRO A 59 -16.37 16.38 7.31
C PRO A 59 -15.04 15.78 6.84
N PHE A 60 -14.98 15.50 5.54
CA PHE A 60 -13.76 14.96 4.94
C PHE A 60 -12.61 15.96 5.09
N PRO A 61 -11.45 15.54 5.58
CA PRO A 61 -10.35 16.48 5.81
C PRO A 61 -9.64 16.82 4.50
N PHE A 62 -8.73 17.80 4.60
CA PHE A 62 -7.92 18.14 3.44
C PHE A 62 -6.99 16.99 3.10
N TYR A 63 -6.98 16.61 1.82
CA TYR A 63 -6.00 15.65 1.33
C TYR A 63 -5.46 16.16 0.01
N ARG A 64 -4.18 16.49 -0.02
CA ARG A 64 -3.57 17.07 -1.20
C ARG A 64 -3.59 16.08 -2.37
N ARG A 65 -3.95 16.59 -3.54
CA ARG A 65 -3.77 15.84 -4.78
C ARG A 65 -2.33 15.32 -4.83
N PRO A 66 -2.12 14.01 -4.82
CA PRO A 66 -0.74 13.52 -4.75
C PRO A 66 0.05 13.82 -6.01
N SER A 67 1.33 14.12 -5.83
CA SER A 67 2.26 14.32 -6.94
C SER A 67 3.34 13.25 -6.90
N GLU A 68 3.67 12.70 -8.06
CA GLU A 68 4.77 11.75 -8.12
C GLU A 68 6.08 12.51 -8.11
N LEU A 69 6.91 12.26 -7.10
CA LEU A 69 8.24 12.82 -7.02
C LEU A 69 9.27 12.00 -7.77
N GLY A 70 9.01 10.71 -7.96
CA GLY A 70 9.94 9.85 -8.65
C GLY A 70 9.49 8.42 -8.54
N CYS A 71 10.42 7.51 -8.73
CA CYS A 71 10.10 6.10 -8.73
C CYS A 71 11.37 5.30 -8.50
N PHE A 72 11.20 4.02 -8.24
CA PHE A 72 12.32 3.09 -8.27
C PHE A 72 11.78 1.70 -8.53
N SER A 73 12.70 0.80 -8.84
CA SER A 73 12.38 -0.56 -9.21
C SER A 73 13.21 -1.50 -8.36
N LEU A 74 12.61 -2.62 -7.97
CA LEU A 74 13.35 -3.76 -7.42
C LEU A 74 13.30 -4.88 -8.46
N ASP A 75 14.45 -5.51 -8.71
CA ASP A 75 14.52 -6.50 -9.79
C ASP A 75 14.30 -7.91 -9.24
N ALA A 76 14.52 -8.91 -10.09
CA ALA A 76 14.25 -10.30 -9.72
C ALA A 76 15.12 -10.78 -8.57
N GLN A 77 16.25 -10.12 -8.33
CA GLN A 77 17.13 -10.42 -7.21
C GLN A 77 16.91 -9.46 -6.05
N ARG A 78 15.82 -8.70 -6.09
CA ARG A 78 15.48 -7.71 -5.06
C ARG A 78 16.54 -6.60 -4.97
N GLN A 79 17.19 -6.29 -6.11
CA GLN A 79 18.14 -5.19 -6.16
C GLN A 79 17.44 -3.90 -6.57
N TYR A 80 17.83 -2.81 -5.91
CA TYR A 80 17.28 -1.49 -6.18
C TYR A 80 17.85 -0.91 -7.46
N HIS A 81 17.01 -0.26 -8.24
CA HIS A 81 17.45 0.55 -9.36
C HIS A 81 16.62 1.83 -9.36
N GLY A 82 17.29 2.97 -9.47
CA GLY A 82 16.58 4.24 -9.47
C GLY A 82 15.97 4.59 -10.82
N ASP A 83 15.12 3.71 -11.35
CA ASP A 83 14.47 3.98 -12.63
C ASP A 83 13.19 3.15 -12.69
N ALA A 84 12.48 3.25 -13.81
CA ALA A 84 11.18 2.61 -13.97
C ALA A 84 11.26 1.27 -14.72
N ARG A 85 12.40 0.58 -14.64
CA ARG A 85 12.55 -0.63 -15.45
C ARG A 85 11.52 -1.70 -15.10
N ALA A 86 11.00 -1.71 -13.87
CA ALA A 86 10.01 -2.70 -13.47
C ALA A 86 8.59 -2.35 -13.89
N LEU A 87 8.36 -1.16 -14.43
CA LEU A 87 7.01 -0.71 -14.73
C LEU A 87 6.49 -1.49 -15.94
N ARG A 88 5.28 -2.01 -15.82
CA ARG A 88 4.63 -2.71 -16.91
C ARG A 88 3.41 -1.93 -17.35
N TYR A 89 2.78 -2.37 -18.44
CA TYR A 89 1.76 -1.59 -19.11
C TYR A 89 0.46 -2.38 -19.21
N TYR A 90 -0.63 -1.72 -18.81
CA TYR A 90 -1.95 -2.32 -18.83
C TYR A 90 -2.30 -2.79 -20.25
N SER A 91 -2.69 -4.06 -20.37
CA SER A 91 -2.92 -4.68 -21.67
C SER A 91 -4.01 -5.73 -21.52
N PRO A 92 -5.26 -5.28 -21.41
CA PRO A 92 -6.37 -6.21 -21.19
C PRO A 92 -6.71 -6.95 -22.46
N PRO A 93 -7.58 -7.96 -22.39
CA PRO A 93 -7.88 -8.79 -23.56
C PRO A 93 -8.36 -7.97 -24.74
N PRO A 94 -7.98 -8.36 -25.96
CA PRO A 94 -8.38 -7.61 -27.16
C PRO A 94 -9.89 -7.45 -27.26
N ILE A 95 -10.30 -6.33 -27.79
CA ILE A 95 -11.72 -6.05 -27.87
C ILE A 95 -12.57 -7.03 -28.70
N ASN A 96 -12.01 -7.60 -29.75
CA ASN A 96 -12.74 -8.55 -30.56
C ASN A 96 -12.52 -10.01 -30.17
N GLY A 97 -11.54 -10.28 -29.30
CA GLY A 97 -11.25 -11.65 -28.92
C GLY A 97 -12.29 -12.24 -28.00
N PRO A 98 -12.01 -13.43 -27.47
CA PRO A 98 -12.91 -14.03 -26.48
C PRO A 98 -12.77 -13.33 -25.14
N GLY A 99 -13.71 -13.61 -24.24
CA GLY A 99 -13.63 -13.12 -22.90
C GLY A 99 -12.42 -13.66 -22.17
N PRO A 100 -12.13 -13.15 -20.99
CA PRO A 100 -10.98 -13.66 -20.24
C PRO A 100 -11.22 -15.08 -19.78
N ASP A 101 -10.14 -15.84 -19.74
CA ASP A 101 -10.18 -17.18 -19.16
C ASP A 101 -8.80 -17.46 -18.58
N PHE A 102 -8.30 -16.54 -17.77
CA PHE A 102 -6.93 -16.61 -17.27
C PHE A 102 -6.79 -17.72 -16.24
N ASP A 103 -5.89 -18.67 -16.48
CA ASP A 103 -5.62 -19.74 -15.53
C ASP A 103 -4.61 -19.22 -14.50
N LEU A 104 -5.10 -18.78 -13.34
CA LEU A 104 -4.20 -18.20 -12.34
C LEU A 104 -3.35 -19.24 -11.63
N ARG A 105 -3.67 -20.53 -11.77
CA ARG A 105 -2.83 -21.56 -11.17
C ARG A 105 -1.68 -21.98 -12.07
N ASP A 106 -1.70 -21.58 -13.33
CA ASP A 106 -0.68 -22.04 -14.29
C ASP A 106 0.70 -21.60 -13.82
N GLY A 107 1.60 -22.58 -13.68
CA GLY A 107 2.94 -22.31 -13.22
C GLY A 107 3.16 -22.46 -11.73
N TYR A 108 2.10 -22.64 -10.96
CA TYR A 108 2.29 -22.87 -9.52
C TYR A 108 2.54 -24.35 -9.27
N PRO A 109 3.63 -24.71 -8.57
CA PRO A 109 4.66 -23.85 -8.00
C PRO A 109 5.99 -23.84 -8.77
N ASP A 110 6.06 -24.58 -9.87
CA ASP A 110 7.34 -24.78 -10.54
C ASP A 110 7.87 -23.53 -11.22
N ARG A 111 7.03 -22.56 -11.53
CA ARG A 111 7.47 -21.30 -12.12
C ARG A 111 7.23 -20.15 -11.15
N TYR A 112 7.37 -20.44 -9.86
CA TYR A 112 7.13 -19.50 -8.78
C TYR A 112 8.45 -19.25 -8.05
N GLN A 113 8.91 -18.00 -8.07
CA GLN A 113 10.10 -17.59 -7.32
C GLN A 113 9.67 -16.63 -6.22
N PRO A 114 9.28 -17.12 -5.05
CA PRO A 114 8.82 -16.23 -3.98
C PRO A 114 9.96 -15.47 -3.34
N ARG A 115 9.67 -14.23 -2.95
CA ARG A 115 10.61 -13.46 -2.15
C ARG A 115 10.92 -14.18 -0.85
N ASP A 116 11.99 -13.76 -0.20
CA ASP A 116 12.37 -14.33 1.09
C ASP A 116 11.74 -13.46 2.17
N GLU A 117 10.66 -13.95 2.78
CA GLU A 117 9.92 -13.12 3.72
C GLU A 117 10.61 -13.00 5.07
N GLU A 118 11.71 -13.71 5.29
CA GLU A 118 12.49 -13.51 6.51
C GLU A 118 13.45 -12.33 6.40
N VAL A 119 13.63 -11.75 5.21
CA VAL A 119 14.39 -10.52 5.07
C VAL A 119 13.49 -9.36 5.47
N GLN A 120 13.93 -8.57 6.45
CA GLN A 120 13.18 -7.40 6.93
C GLN A 120 13.77 -6.19 6.20
N GLU A 121 13.02 -5.61 5.29
CA GLU A 121 13.55 -4.48 4.56
C GLU A 121 13.16 -3.15 5.19
N ARG A 122 12.07 -3.12 5.95
CA ARG A 122 11.56 -1.93 6.61
C ARG A 122 11.53 -0.80 5.58
N LEU A 123 12.05 0.40 5.88
CA LEU A 123 11.99 1.51 4.95
C LEU A 123 13.18 1.58 4.01
N ASP A 124 14.10 0.60 4.06
CA ASP A 124 15.43 0.78 3.48
C ASP A 124 15.41 1.26 2.02
N HIS A 125 14.52 0.68 1.19
CA HIS A 125 14.50 1.08 -0.22
C HIS A 125 13.98 2.49 -0.40
N LEU A 126 12.94 2.88 0.35
CA LEU A 126 12.48 4.26 0.30
C LEU A 126 13.54 5.22 0.80
N LEU A 127 14.25 4.85 1.86
CA LEU A 127 15.32 5.71 2.37
C LEU A 127 16.42 5.90 1.34
N ARG A 128 16.74 4.87 0.57
CA ARG A 128 17.71 5.06 -0.51
C ARG A 128 17.22 6.07 -1.52
N TRP A 129 15.94 5.99 -1.92
CA TRP A 129 15.41 7.01 -2.81
C TRP A 129 15.53 8.39 -2.17
N VAL A 130 15.15 8.53 -0.91
CA VAL A 130 15.16 9.84 -0.27
C VAL A 130 16.59 10.36 -0.21
N LEU A 131 17.53 9.49 0.16
CA LEU A 131 18.93 9.92 0.23
C LEU A 131 19.40 10.45 -1.12
N GLU A 132 19.04 9.75 -2.19
CA GLU A 132 19.51 10.11 -3.53
C GLU A 132 18.76 11.29 -4.11
N HIS A 133 17.68 11.75 -3.47
CA HIS A 133 16.91 12.87 -3.99
C HIS A 133 16.77 14.02 -3.00
N ARG A 134 17.50 13.99 -1.89
CA ARG A 134 17.19 14.89 -0.79
C ARG A 134 17.40 16.35 -1.17
N ASN A 135 18.30 16.62 -2.11
CA ASN A 135 18.56 17.99 -2.54
C ASN A 135 17.80 18.35 -3.81
N GLN A 136 16.86 17.52 -4.22
CA GLN A 136 16.02 17.79 -5.37
C GLN A 136 14.53 17.69 -5.02
N LEU A 137 14.18 17.65 -3.75
CA LEU A 137 12.78 17.58 -3.36
C LEU A 137 12.12 18.94 -3.56
N GLU A 138 10.87 18.93 -4.02
CA GLU A 138 10.12 20.17 -4.08
C GLU A 138 9.67 20.55 -2.66
N GLY A 139 8.96 21.67 -2.57
CA GLY A 139 8.39 22.12 -1.32
C GLY A 139 9.19 23.16 -0.58
N GLY A 140 10.40 23.48 -1.06
CA GLY A 140 11.20 24.51 -0.47
C GLY A 140 12.08 23.99 0.65
N PRO A 141 12.93 24.86 1.19
CA PRO A 141 13.84 24.43 2.26
C PRO A 141 13.07 23.98 3.49
N GLY A 142 13.57 22.92 4.12
CA GLY A 142 12.95 22.38 5.29
C GLY A 142 11.71 21.54 5.05
N TRP A 143 11.33 21.30 3.80
CA TRP A 143 10.11 20.54 3.56
C TRP A 143 10.20 19.16 4.18
N LEU A 144 11.30 18.45 3.94
CA LEU A 144 11.41 17.09 4.46
C LEU A 144 11.34 17.08 5.99
N ALA A 145 11.92 18.10 6.63
CA ALA A 145 11.95 18.15 8.08
C ALA A 145 10.56 18.23 8.69
N GLY A 146 9.58 18.71 7.95
CA GLY A 146 8.22 18.78 8.44
C GLY A 146 7.34 17.64 7.97
N ALA A 147 7.90 16.69 7.24
CA ALA A 147 7.13 15.62 6.63
C ALA A 147 7.12 14.35 7.48
N THR A 148 6.23 13.45 7.11
CA THR A 148 6.20 12.09 7.66
C THR A 148 6.50 11.16 6.50
N VAL A 149 7.43 10.23 6.71
CA VAL A 149 7.94 9.37 5.65
C VAL A 149 7.52 7.94 5.97
N THR A 150 6.88 7.27 5.02
CA THR A 150 6.42 5.91 5.29
C THR A 150 6.08 5.20 3.99
N TRP A 151 5.68 3.93 4.11
CA TRP A 151 5.16 3.17 2.97
C TRP A 151 3.67 3.41 2.84
N ARG A 152 3.19 3.47 1.60
CA ARG A 152 1.75 3.60 1.34
C ARG A 152 0.95 2.59 2.18
N GLY A 153 1.39 1.33 2.19
CA GLY A 153 0.62 0.31 2.90
C GLY A 153 0.51 0.57 4.39
N HIS A 154 1.51 1.24 4.98
CA HIS A 154 1.38 1.63 6.39
C HIS A 154 0.24 2.61 6.55
N LEU A 155 0.15 3.60 5.66
CA LEU A 155 -0.97 4.53 5.68
C LEU A 155 -2.29 3.81 5.45
N THR A 156 -2.31 2.81 4.55
CA THR A 156 -3.55 2.06 4.30
C THR A 156 -4.07 1.43 5.59
N LYS A 157 -3.17 0.83 6.37
CA LYS A 157 -3.58 0.18 7.60
C LYS A 157 -4.13 1.19 8.60
N LEU A 158 -3.59 2.41 8.61
CA LEU A 158 -4.17 3.45 9.45
C LEU A 158 -5.58 3.78 9.01
N LEU A 159 -5.75 4.02 7.70
CA LEU A 159 -7.06 4.35 7.15
C LEU A 159 -8.13 3.35 7.54
N THR A 160 -7.81 2.06 7.47
CA THR A 160 -8.83 1.04 7.69
C THR A 160 -8.98 0.67 9.16
N THR A 161 -8.17 1.24 10.05
CA THR A 161 -8.23 0.88 11.46
C THR A 161 -9.62 1.03 12.09
N PRO A 162 -10.38 2.10 11.85
CA PRO A 162 -11.68 2.22 12.51
C PRO A 162 -12.65 1.11 12.16
N TYR A 163 -12.42 0.39 11.07
CA TYR A 163 -13.32 -0.67 10.64
C TYR A 163 -12.73 -2.07 10.77
N GLU A 164 -11.47 -2.17 11.14
CA GLU A 164 -10.77 -3.44 11.12
C GLU A 164 -11.15 -4.28 12.33
N ARG A 165 -11.55 -5.53 12.10
CA ARG A 165 -11.96 -6.37 13.21
C ARG A 165 -11.08 -7.58 13.46
N GLN A 166 -10.16 -7.89 12.55
CA GLN A 166 -9.33 -9.09 12.67
C GLN A 166 -7.86 -8.82 12.90
N GLU A 167 -7.26 -7.88 12.16
CA GLU A 167 -5.80 -7.81 12.06
C GLU A 167 -5.30 -6.53 12.73
N GLY A 168 -4.56 -6.70 13.83
CA GLY A 168 -3.89 -5.56 14.46
C GLY A 168 -2.62 -5.17 13.72
N TRP A 169 -1.93 -4.16 14.26
CA TRP A 169 -0.68 -3.73 13.63
C TRP A 169 0.22 -3.08 14.67
N GLN A 170 1.47 -2.89 14.29
CA GLN A 170 2.45 -2.16 15.08
C GLN A 170 3.23 -1.26 14.13
N LEU A 171 3.41 0.00 14.52
CA LEU A 171 4.18 0.93 13.71
C LEU A 171 5.28 1.51 14.58
N ALA A 172 6.52 1.33 14.17
CA ALA A 172 7.65 1.96 14.84
C ALA A 172 7.81 3.37 14.30
N ALA A 173 8.03 4.33 15.21
CA ALA A 173 8.20 5.73 14.86
C ALA A 173 9.50 6.27 15.42
N SER A 174 10.25 6.96 14.57
CA SER A 174 11.46 7.67 14.99
C SER A 174 11.48 9.03 14.31
N ARG A 175 11.85 10.06 15.08
CA ARG A 175 12.06 11.39 14.52
C ARG A 175 13.56 11.60 14.31
N PHE A 176 13.92 12.11 13.14
CA PHE A 176 15.32 12.29 12.80
C PHE A 176 15.42 13.50 11.89
N GLN A 177 16.08 14.56 12.38
CA GLN A 177 16.17 15.83 11.66
C GLN A 177 14.78 16.36 11.34
N GLY A 178 13.89 16.30 12.34
CA GLY A 178 12.55 16.83 12.22
C GLY A 178 11.57 15.85 11.61
N THR A 179 12.00 15.18 10.54
CA THR A 179 11.18 14.20 9.84
C THR A 179 10.72 13.08 10.77
N LEU A 180 9.44 12.72 10.68
CA LEU A 180 8.90 11.58 11.41
C LEU A 180 8.87 10.39 10.46
N TYR A 181 9.52 9.30 10.84
CA TYR A 181 9.56 8.06 10.04
C TYR A 181 8.68 7.00 10.70
N LEU A 182 7.85 6.33 9.88
CA LEU A 182 6.94 5.30 10.37
C LEU A 182 7.24 3.99 9.65
N SER A 183 7.51 2.95 10.41
CA SER A 183 7.94 1.68 9.84
C SER A 183 7.22 0.54 10.54
N GLU A 184 6.52 -0.29 9.77
CA GLU A 184 5.70 -1.34 10.35
C GLU A 184 6.56 -2.43 10.99
N VAL A 185 6.09 -2.93 12.14
CA VAL A 185 6.68 -4.08 12.81
C VAL A 185 5.68 -5.23 12.71
N GLU A 186 6.17 -6.38 12.25
CA GLU A 186 5.31 -7.55 12.20
C GLU A 186 4.99 -8.00 13.62
N THR A 187 3.69 -8.11 13.94
CA THR A 187 3.30 -8.51 15.28
C THR A 187 3.64 -9.98 15.50
N PRO A 188 3.82 -10.39 16.75
CA PRO A 188 4.08 -11.82 17.01
C PRO A 188 2.99 -12.73 16.47
N ALA A 189 1.74 -12.27 16.49
CA ALA A 189 0.64 -13.09 15.97
C ALA A 189 0.66 -13.14 14.44
N ALA A 190 0.99 -12.03 13.79
CA ALA A 190 1.11 -12.06 12.33
C ALA A 190 2.26 -12.93 11.90
N ARG A 191 3.36 -12.92 12.65
CA ARG A 191 4.48 -13.79 12.33
C ARG A 191 4.06 -15.25 12.42
N ALA A 192 3.36 -15.62 13.50
CA ALA A 192 2.93 -17.00 13.66
C ALA A 192 1.99 -17.43 12.55
N GLN A 193 1.07 -16.54 12.14
CA GLN A 193 0.17 -16.94 11.06
C GLN A 193 0.91 -16.99 9.73
N ARG A 194 1.94 -16.16 9.55
CA ARG A 194 2.76 -16.28 8.34
C ARG A 194 3.46 -17.63 8.30
N LEU A 195 4.05 -18.05 9.42
CA LEU A 195 4.78 -19.30 9.42
C LEU A 195 3.85 -20.50 9.23
N ALA A 196 2.60 -20.41 9.67
CA ALA A 196 1.62 -21.48 9.53
C ALA A 196 0.66 -21.23 8.37
N ARG A 197 1.10 -20.49 7.37
CA ARG A 197 0.24 -20.12 6.23
C ARG A 197 -0.26 -21.38 5.53
N PRO A 198 -1.57 -21.57 5.41
CA PRO A 198 -2.06 -22.78 4.74
C PRO A 198 -1.64 -22.80 3.29
N PRO A 199 -1.47 -23.99 2.72
CA PRO A 199 -1.13 -24.08 1.28
C PRO A 199 -2.10 -23.33 0.39
N LEU A 200 -3.40 -23.37 0.71
CA LEU A 200 -4.41 -22.62 -0.04
C LEU A 200 -4.04 -21.15 -0.14
N LEU A 201 -3.67 -20.57 1.00
CA LEU A 201 -3.34 -19.16 1.07
C LEU A 201 -2.03 -18.85 0.35
N ARG A 202 -1.11 -19.82 0.32
N ARG A 202 -1.11 -19.82 0.32
CA ARG A 202 0.12 -19.64 -0.44
CA ARG A 202 0.12 -19.64 -0.45
C ARG A 202 -0.16 -19.62 -1.94
C ARG A 202 -0.16 -19.62 -1.94
N GLU A 203 -1.07 -20.48 -2.40
CA GLU A 203 -1.42 -20.47 -3.81
C GLU A 203 -2.20 -19.22 -4.17
N LEU A 204 -3.02 -18.72 -3.24
CA LEU A 204 -3.80 -17.51 -3.51
C LEU A 204 -2.89 -16.31 -3.72
N MET A 205 -1.80 -16.20 -2.96
CA MET A 205 -0.84 -15.14 -3.19
C MET A 205 -0.22 -15.26 -4.58
N TYR A 206 0.05 -16.49 -5.03
CA TYR A 206 0.58 -16.66 -6.38
C TYR A 206 -0.43 -16.21 -7.43
N MET A 207 -1.69 -16.60 -7.27
CA MET A 207 -2.70 -16.27 -8.27
C MET A 207 -2.84 -14.77 -8.44
N GLY A 208 -2.73 -14.01 -7.35
CA GLY A 208 -2.74 -12.56 -7.46
C GLY A 208 -1.62 -12.04 -8.34
N TYR A 209 -0.39 -12.50 -8.10
CA TYR A 209 0.72 -12.07 -8.94
C TYR A 209 0.56 -12.55 -10.37
N LYS A 210 0.02 -13.76 -10.54
CA LYS A 210 -0.14 -14.31 -11.87
C LYS A 210 -1.13 -13.50 -12.67
N PHE A 211 -2.17 -12.98 -12.02
CA PHE A 211 -3.15 -12.16 -12.73
C PHE A 211 -2.49 -10.98 -13.43
N SER A 212 -1.53 -10.33 -12.77
CA SER A 212 -0.82 -9.23 -13.42
C SER A 212 -0.08 -9.70 -14.66
N GLN A 213 0.45 -10.91 -14.64
CA GLN A 213 1.15 -11.44 -15.81
C GLN A 213 0.23 -11.59 -17.01
N TYR A 214 -1.06 -11.86 -16.77
CA TYR A 214 -2.02 -11.97 -17.85
C TYR A 214 -2.53 -10.61 -18.35
N MET A 215 -2.39 -9.56 -17.54
CA MET A 215 -3.02 -8.27 -17.81
C MET A 215 -2.05 -7.18 -18.22
N CYS A 216 -0.74 -7.44 -18.20
CA CYS A 216 0.27 -6.41 -18.42
C CYS A 216 1.30 -6.87 -19.43
N ALA A 217 1.88 -5.90 -20.13
CA ALA A 217 2.89 -6.14 -21.14
C ALA A 217 4.16 -5.38 -20.75
N ASP A 218 5.30 -5.84 -21.28
CA ASP A 218 6.55 -5.16 -21.00
C ASP A 218 6.67 -3.80 -21.70
N LYS A 219 5.90 -3.58 -22.76
CA LYS A 219 5.96 -2.34 -23.54
C LYS A 219 4.57 -1.81 -23.80
N PRO A 220 4.43 -0.48 -23.92
CA PRO A 220 3.12 0.09 -24.23
C PRO A 220 2.53 -0.52 -25.50
N GLY A 221 1.28 -0.95 -25.43
CA GLY A 221 0.62 -1.56 -26.55
C GLY A 221 1.09 -2.97 -26.89
N GLY A 222 2.09 -3.48 -26.19
CA GLY A 222 2.54 -4.84 -26.39
C GLY A 222 1.52 -5.85 -25.87
N SER A 223 1.92 -7.13 -25.92
CA SER A 223 1.05 -8.20 -25.49
C SER A 223 1.58 -8.87 -24.23
N PRO A 224 0.70 -9.30 -23.32
CA PRO A 224 1.16 -10.04 -22.15
C PRO A 224 1.85 -11.32 -22.57
N ASP A 225 2.75 -11.79 -21.70
CA ASP A 225 3.48 -13.03 -21.92
C ASP A 225 3.49 -13.80 -20.61
N PRO A 226 2.46 -14.61 -20.35
CA PRO A 226 2.40 -15.36 -19.09
C PRO A 226 3.25 -16.63 -19.07
N SER A 227 4.08 -16.85 -20.09
CA SER A 227 4.88 -18.06 -20.14
C SER A 227 6.07 -18.02 -19.19
N GLY A 228 6.31 -16.88 -18.54
CA GLY A 228 7.47 -16.71 -17.69
C GLY A 228 7.23 -17.12 -16.25
N GLU A 229 8.18 -16.74 -15.41
CA GLU A 229 8.11 -17.00 -13.99
C GLU A 229 7.36 -15.89 -13.28
N VAL A 230 6.74 -16.23 -12.17
CA VAL A 230 6.21 -15.25 -11.24
C VAL A 230 7.27 -15.08 -10.16
N ASN A 231 7.92 -13.92 -10.16
CA ASN A 231 8.99 -13.60 -9.22
C ASN A 231 8.54 -12.39 -8.42
N THR A 232 8.19 -12.61 -7.16
CA THR A 232 7.62 -11.54 -6.35
C THR A 232 8.68 -10.62 -5.75
N ASN A 233 9.95 -10.81 -6.09
CA ASN A 233 10.92 -9.77 -5.77
C ASN A 233 10.72 -8.54 -6.65
N VAL A 234 10.20 -8.72 -7.86
CA VAL A 234 10.11 -7.65 -8.84
C VAL A 234 9.01 -6.68 -8.43
N ALA A 235 9.34 -5.38 -8.41
CA ALA A 235 8.34 -4.40 -8.03
C ALA A 235 8.69 -3.04 -8.63
N TYR A 236 7.67 -2.31 -9.04
CA TYR A 236 7.80 -0.91 -9.40
C TYR A 236 7.10 -0.07 -8.33
N CYS A 237 7.80 0.96 -7.84
CA CYS A 237 7.30 1.78 -6.75
C CYS A 237 7.28 3.22 -7.19
N SER A 238 6.12 3.86 -7.02
CA SER A 238 5.99 5.28 -7.21
C SER A 238 6.25 5.98 -5.89
N VAL A 239 6.97 7.11 -5.93
CA VAL A 239 7.24 7.92 -4.75
C VAL A 239 6.40 9.18 -4.83
N LEU A 240 5.59 9.44 -3.80
CA LEU A 240 4.58 10.50 -3.87
C LEU A 240 4.72 11.52 -2.75
N ARG A 241 4.29 12.73 -3.06
CA ARG A 241 4.08 13.78 -2.07
C ARG A 241 2.58 13.98 -1.88
N SER A 242 2.14 14.03 -0.63
CA SER A 242 0.78 14.49 -0.38
C SER A 242 0.78 15.24 0.94
N ARG A 243 -0.41 15.51 1.45
CA ARG A 243 -0.55 16.19 2.72
C ARG A 243 -1.94 15.86 3.23
N LEU A 244 -2.04 15.39 4.46
CA LEU A 244 -3.32 15.07 5.07
C LEU A 244 -3.50 16.02 6.24
N GLY A 245 -4.59 16.79 6.23
CA GLY A 245 -4.70 17.87 7.20
C GLY A 245 -3.49 18.78 7.08
N ASN A 246 -2.84 19.04 8.21
CA ASN A 246 -1.60 19.82 8.20
C ASN A 246 -0.36 18.93 8.26
N HIS A 247 -0.44 17.70 7.76
CA HIS A 247 0.66 16.73 7.84
C HIS A 247 1.22 16.44 6.46
N PRO A 248 2.33 17.05 6.05
CA PRO A 248 2.95 16.69 4.78
C PRO A 248 3.42 15.25 4.80
N LEU A 249 3.26 14.58 3.66
CA LEU A 249 3.59 13.16 3.55
C LEU A 249 4.54 12.92 2.38
N LEU A 250 5.53 12.05 2.62
CA LEU A 250 6.35 11.49 1.56
C LEU A 250 6.23 9.99 1.71
N PHE A 251 5.69 9.33 0.69
CA PHE A 251 5.53 7.89 0.82
C PHE A 251 5.67 7.26 -0.55
N SER A 252 5.86 5.95 -0.55
N SER A 252 5.87 5.95 -0.56
CA SER A 252 6.00 5.21 -1.78
CA SER A 252 5.99 5.22 -1.79
C SER A 252 5.05 4.02 -1.74
C SER A 252 5.06 4.02 -1.75
N GLY A 253 4.57 3.63 -2.91
CA GLY A 253 3.71 2.48 -3.00
C GLY A 253 3.99 1.70 -4.26
N GLN A 254 3.89 0.39 -4.17
CA GLN A 254 4.03 -0.42 -5.37
C GLN A 254 2.84 -0.15 -6.28
N VAL A 255 3.11 -0.10 -7.58
CA VAL A 255 2.08 0.18 -8.58
C VAL A 255 2.15 -0.91 -9.63
N ASP A 256 0.99 -1.48 -9.97
CA ASP A 256 1.00 -2.63 -10.86
C ASP A 256 1.34 -2.26 -12.30
N CYS A 257 0.76 -1.18 -12.83
CA CYS A 257 1.02 -0.88 -14.22
C CYS A 257 0.58 0.53 -14.57
N LEU A 258 1.02 0.97 -15.73
CA LEU A 258 0.62 2.23 -16.34
C LEU A 258 -0.31 1.92 -17.50
N ASN A 259 -1.41 2.67 -17.60
CA ASN A 259 -2.38 2.47 -18.67
C ASN A 259 -2.16 3.51 -19.74
N PRO A 260 -1.62 3.15 -20.91
CA PRO A 260 -1.49 4.15 -21.97
C PRO A 260 -2.84 4.70 -22.42
N GLN A 261 -3.93 4.08 -22.05
CA GLN A 261 -5.27 4.54 -22.39
C GLN A 261 -5.96 5.32 -21.29
N ALA A 262 -5.26 5.70 -20.24
CA ALA A 262 -5.92 6.40 -19.19
C ALA A 262 -6.33 7.79 -19.61
N PRO A 263 -7.31 8.31 -18.90
CA PRO A 263 -7.83 9.62 -19.22
C PRO A 263 -6.73 10.66 -19.14
N CYS A 264 -5.91 10.62 -18.11
CA CYS A 264 -4.81 11.51 -17.99
C CYS A 264 -3.48 10.70 -18.14
N THR A 265 -2.55 11.11 -18.99
CA THR A 265 -1.25 10.43 -19.17
C THR A 265 -0.15 10.66 -18.13
N GLN A 266 -0.39 11.54 -17.21
CA GLN A 266 0.61 11.91 -16.22
C GLN A 266 0.41 11.13 -14.93
N PRO A 267 1.49 10.58 -14.35
CA PRO A 267 1.35 9.83 -13.11
C PRO A 267 0.98 10.76 -11.97
N PRO A 268 0.23 10.28 -10.97
CA PRO A 268 -0.21 8.87 -10.86
C PRO A 268 -1.53 8.55 -11.54
N SER A 269 -2.11 9.53 -12.25
CA SER A 269 -3.45 9.35 -12.81
C SER A 269 -3.49 8.27 -13.89
N CYS A 270 -2.35 7.92 -14.48
CA CYS A 270 -2.27 6.92 -15.52
C CYS A 270 -2.06 5.51 -14.98
N TYR A 271 -1.93 5.35 -13.67
CA TYR A 271 -1.64 4.03 -13.10
C TYR A 271 -2.94 3.25 -12.88
N VAL A 272 -2.80 1.92 -12.86
CA VAL A 272 -3.91 1.02 -12.62
C VAL A 272 -3.45 -0.01 -11.59
N GLN A 273 -4.28 -0.30 -10.63
CA GLN A 273 -4.03 -1.31 -9.64
C GLN A 273 -4.84 -2.55 -10.00
N LEU A 274 -4.21 -3.71 -9.92
CA LEU A 274 -4.87 -4.95 -10.30
C LEU A 274 -5.21 -5.78 -9.05
N LYS A 275 -6.39 -6.41 -9.07
CA LYS A 275 -6.85 -7.23 -7.96
C LYS A 275 -7.52 -8.48 -8.51
N THR A 276 -7.59 -9.51 -7.67
CA THR A 276 -8.49 -10.62 -7.93
C THR A 276 -9.38 -10.82 -6.71
N SER A 277 -10.51 -11.47 -6.95
CA SER A 277 -11.50 -11.73 -5.91
C SER A 277 -12.39 -12.85 -6.43
N LYS A 278 -13.03 -13.54 -5.50
CA LYS A 278 -13.95 -14.60 -5.87
C LYS A 278 -15.12 -14.05 -6.68
N GLU A 279 -15.52 -14.81 -7.71
CA GLU A 279 -16.74 -14.50 -8.43
C GLU A 279 -17.90 -14.45 -7.45
N MET A 280 -18.78 -13.48 -7.65
CA MET A 280 -19.93 -13.30 -6.76
C MET A 280 -21.22 -13.46 -7.55
N HIS A 281 -22.22 -14.04 -6.91
CA HIS A 281 -23.46 -14.36 -7.60
C HIS A 281 -24.72 -13.84 -6.92
N SER A 282 -24.66 -13.45 -5.64
CA SER A 282 -25.84 -12.97 -4.96
C SER A 282 -25.67 -11.51 -4.55
N PRO A 283 -26.77 -10.79 -4.35
CA PRO A 283 -26.65 -9.42 -3.82
C PRO A 283 -25.96 -9.39 -2.47
N GLY A 284 -26.19 -10.40 -1.62
CA GLY A 284 -25.53 -10.43 -0.33
C GLY A 284 -24.03 -10.62 -0.44
N GLN A 285 -23.57 -11.37 -1.44
CA GLN A 285 -22.13 -11.52 -1.65
C GLN A 285 -21.51 -10.21 -2.12
N TRP A 286 -22.16 -9.54 -3.08
CA TRP A 286 -21.66 -8.24 -3.51
C TRP A 286 -21.65 -7.25 -2.34
N ARG A 287 -22.71 -7.28 -1.54
CA ARG A 287 -22.80 -6.42 -0.37
C ARG A 287 -21.61 -6.63 0.57
N SER A 288 -21.29 -7.89 0.87
CA SER A 288 -20.18 -8.18 1.77
C SER A 288 -18.87 -7.70 1.15
N PHE A 289 -18.74 -7.84 -0.16
CA PHE A 289 -17.55 -7.38 -0.87
C PHE A 289 -17.43 -5.85 -0.79
N TYR A 290 -18.55 -5.14 -0.96
CA TYR A 290 -18.50 -3.68 -0.87
C TYR A 290 -18.09 -3.24 0.53
N ARG A 291 -18.56 -3.95 1.54
CA ARG A 291 -18.40 -3.51 2.91
C ARG A 291 -16.99 -3.75 3.42
N HIS A 292 -16.35 -4.82 2.97
CA HIS A 292 -15.08 -5.23 3.55
C HIS A 292 -13.94 -5.09 2.56
N LYS A 293 -14.03 -5.75 1.40
CA LYS A 293 -12.92 -5.73 0.47
C LYS A 293 -12.75 -4.35 -0.18
N LEU A 294 -13.81 -3.75 -0.63
CA LEU A 294 -13.70 -2.49 -1.27
C LEU A 294 -13.09 -1.41 -0.40
N LEU A 295 -13.34 -1.44 0.88
CA LEU A 295 -12.73 -0.48 1.78
C LEU A 295 -11.21 -0.53 1.67
N LYS A 296 -10.65 -1.73 1.67
CA LYS A 296 -9.19 -1.87 1.58
C LYS A 296 -8.70 -1.48 0.19
N TRP A 297 -9.44 -1.86 -0.85
CA TRP A 297 -9.05 -1.44 -2.20
C TRP A 297 -9.07 0.08 -2.33
N TRP A 298 -10.13 0.70 -1.81
CA TRP A 298 -10.22 2.15 -1.82
C TRP A 298 -9.03 2.79 -1.12
N ALA A 299 -8.79 2.39 0.13
CA ALA A 299 -7.77 3.05 0.91
C ALA A 299 -6.40 2.94 0.24
N GLN A 300 -6.10 1.76 -0.30
CA GLN A 300 -4.79 1.53 -0.90
C GLN A 300 -4.57 2.39 -2.13
N SER A 301 -5.59 2.57 -2.96
CA SER A 301 -5.39 3.35 -4.18
C SER A 301 -5.74 4.81 -4.03
N PHE A 302 -6.53 5.18 -3.02
CA PHE A 302 -6.86 6.59 -2.82
C PHE A 302 -5.61 7.37 -2.44
N LEU A 303 -4.82 6.81 -1.53
CA LEU A 303 -3.64 7.49 -1.01
C LEU A 303 -2.68 7.93 -2.11
N PRO A 304 -2.24 7.06 -3.02
CA PRO A 304 -1.33 7.50 -4.09
C PRO A 304 -2.00 8.14 -5.28
N GLY A 305 -3.33 8.29 -5.27
CA GLY A 305 -3.97 8.91 -6.41
C GLY A 305 -4.10 7.99 -7.62
N VAL A 306 -4.12 6.68 -7.40
CA VAL A 306 -4.34 5.72 -8.46
C VAL A 306 -5.84 5.63 -8.67
N PRO A 307 -6.35 6.03 -9.83
CA PRO A 307 -7.79 6.27 -9.97
C PRO A 307 -8.61 5.07 -10.42
N HIS A 308 -8.00 3.95 -10.78
CA HIS A 308 -8.72 2.77 -11.25
C HIS A 308 -8.14 1.51 -10.63
N VAL A 309 -9.02 0.64 -10.16
CA VAL A 309 -8.67 -0.71 -9.74
C VAL A 309 -9.41 -1.65 -10.67
N VAL A 310 -8.69 -2.57 -11.29
CA VAL A 310 -9.28 -3.54 -12.21
C VAL A 310 -9.27 -4.89 -11.51
N ALA A 311 -10.44 -5.51 -11.39
CA ALA A 311 -10.59 -6.76 -10.69
C ALA A 311 -10.83 -7.88 -11.69
N GLY A 312 -10.09 -8.98 -11.52
CA GLY A 312 -10.40 -10.23 -12.17
C GLY A 312 -11.13 -11.11 -11.19
N PHE A 313 -12.38 -11.45 -11.51
CA PHE A 313 -13.16 -12.33 -10.67
C PHE A 313 -12.88 -13.77 -11.06
N ARG A 314 -12.52 -14.60 -10.08
CA ARG A 314 -12.06 -15.95 -10.36
C ARG A 314 -13.10 -16.95 -9.89
N ASN A 315 -13.25 -18.03 -10.65
CA ASN A 315 -14.15 -19.09 -10.27
C ASN A 315 -13.44 -20.01 -9.28
N PRO A 316 -14.17 -20.97 -8.68
CA PRO A 316 -13.52 -21.87 -7.71
C PRO A 316 -12.40 -22.70 -8.32
N GLU A 317 -12.40 -22.91 -9.63
CA GLU A 317 -11.33 -23.67 -10.27
C GLU A 317 -10.09 -22.83 -10.56
N GLY A 318 -10.09 -21.55 -10.20
CA GLY A 318 -8.89 -20.74 -10.35
C GLY A 318 -8.73 -20.01 -11.66
N PHE A 319 -9.80 -19.84 -12.44
CA PHE A 319 -9.77 -19.11 -13.70
C PHE A 319 -10.46 -17.76 -13.54
N VAL A 320 -9.87 -16.72 -14.11
CA VAL A 320 -10.57 -15.45 -14.20
C VAL A 320 -11.47 -15.48 -15.42
N CYS A 321 -12.78 -15.38 -15.18
CA CYS A 321 -13.78 -15.41 -16.23
C CYS A 321 -14.44 -14.05 -16.48
N SER A 322 -14.07 -13.02 -15.71
CA SER A 322 -14.78 -11.75 -15.76
C SER A 322 -13.85 -10.65 -15.25
N LEU A 323 -13.93 -9.48 -15.86
CA LEU A 323 -13.15 -8.33 -15.41
C LEU A 323 -14.09 -7.17 -15.14
N LYS A 324 -13.77 -6.38 -14.13
CA LYS A 324 -14.57 -5.20 -13.81
C LYS A 324 -13.65 -4.09 -13.33
N THR A 325 -13.90 -2.88 -13.79
CA THR A 325 -13.10 -1.72 -13.39
C THR A 325 -13.85 -1.00 -12.28
N PHE A 326 -13.15 -0.71 -11.19
CA PHE A 326 -13.68 0.08 -10.08
C PHE A 326 -12.94 1.40 -10.01
N PRO A 327 -13.53 2.50 -10.45
CA PRO A 327 -12.88 3.79 -10.25
C PRO A 327 -12.81 4.11 -8.76
N THR A 328 -11.62 4.46 -8.30
CA THR A 328 -11.39 4.68 -6.88
C THR A 328 -12.36 5.70 -6.30
N MET A 329 -12.60 6.80 -7.01
CA MET A 329 -13.46 7.80 -6.41
C MET A 329 -14.93 7.45 -6.49
N GLU A 330 -15.27 6.28 -7.05
CA GLU A 330 -16.65 5.83 -7.06
C GLU A 330 -16.90 4.67 -6.11
N MET A 331 -15.86 4.18 -5.43
CA MET A 331 -16.01 2.99 -4.61
C MET A 331 -16.96 3.23 -3.45
N PHE A 332 -16.89 4.41 -2.84
CA PHE A 332 -17.70 4.71 -1.67
C PHE A 332 -19.18 4.72 -2.02
N GLU A 333 -19.52 4.98 -3.29
CA GLU A 333 -20.92 5.04 -3.67
C GLU A 333 -21.64 3.74 -3.36
N ASN A 334 -20.92 2.63 -3.35
CA ASN A 334 -21.51 1.33 -3.09
C ASN A 334 -21.93 1.16 -1.63
N VAL A 335 -21.47 2.00 -0.71
CA VAL A 335 -21.81 1.85 0.69
C VAL A 335 -22.32 3.16 1.30
N ARG A 336 -22.51 4.19 0.46
CA ARG A 336 -22.89 5.50 0.97
C ARG A 336 -24.18 5.47 1.79
N ASN A 337 -25.11 4.60 1.43
CA ASN A 337 -26.40 4.55 2.13
C ASN A 337 -26.57 3.22 2.83
N ASP A 338 -25.47 2.69 3.36
CA ASP A 338 -25.44 1.37 3.96
C ASP A 338 -25.18 1.52 5.45
N ARG A 339 -26.10 0.98 6.27
CA ARG A 339 -25.93 1.02 7.71
C ARG A 339 -24.68 0.29 8.18
N GLU A 340 -24.18 -0.66 7.41
CA GLU A 340 -22.95 -1.32 7.81
C GLU A 340 -21.78 -1.00 6.88
N GLY A 341 -21.86 0.15 6.22
CA GLY A 341 -20.81 0.56 5.32
C GLY A 341 -19.66 1.28 6.02
N TRP A 342 -18.63 1.57 5.24
CA TRP A 342 -17.51 2.37 5.69
C TRP A 342 -17.64 3.78 5.14
N ASN A 343 -16.86 4.69 5.69
CA ASN A 343 -16.96 6.09 5.30
C ASN A 343 -15.55 6.65 5.17
N PRO A 344 -15.16 7.14 3.98
CA PRO A 344 -13.79 7.62 3.78
C PRO A 344 -13.42 8.76 4.70
N SER A 345 -14.40 9.57 5.12
CA SER A 345 -14.11 10.63 6.06
C SER A 345 -13.64 10.09 7.39
N VAL A 346 -14.25 8.98 7.85
CA VAL A 346 -13.81 8.36 9.09
C VAL A 346 -12.37 7.87 8.93
N CYS A 347 -12.09 7.19 7.82
CA CYS A 347 -10.74 6.69 7.56
C CYS A 347 -9.72 7.82 7.61
N MET A 348 -9.97 8.89 6.86
CA MET A 348 -9.00 9.97 6.75
C MET A 348 -8.90 10.77 8.04
N ASN A 349 -10.02 10.99 8.74
CA ASN A 349 -9.96 11.74 9.99
C ASN A 349 -9.24 10.95 11.08
N PHE A 350 -9.42 9.63 11.11
CA PHE A 350 -8.62 8.85 12.05
C PHE A 350 -7.15 8.92 11.68
N CYS A 351 -6.84 8.77 10.39
CA CYS A 351 -5.43 8.83 9.98
C CYS A 351 -4.80 10.14 10.39
N ALA A 352 -5.52 11.25 10.19
CA ALA A 352 -5.03 12.54 10.60
C ALA A 352 -4.83 12.60 12.10
N ALA A 353 -5.76 12.03 12.86
CA ALA A 353 -5.64 12.02 14.31
C ALA A 353 -4.44 11.21 14.75
N PHE A 354 -4.19 10.08 14.07
CA PHE A 354 -3.01 9.29 14.41
C PHE A 354 -1.74 10.07 14.12
N LEU A 355 -1.67 10.72 12.96
CA LEU A 355 -0.45 11.47 12.65
C LEU A 355 -0.21 12.56 13.69
N SER A 356 -1.27 13.25 14.09
N SER A 356 -1.27 13.26 14.09
CA SER A 356 -1.13 14.27 15.14
CA SER A 356 -1.13 14.26 15.15
C SER A 356 -0.69 13.63 16.45
C SER A 356 -0.68 13.61 16.45
N PHE A 357 -1.28 12.48 16.80
CA PHE A 357 -0.90 11.75 18.00
C PHE A 357 0.55 11.33 17.95
N ALA A 358 0.98 10.76 16.81
CA ALA A 358 2.38 10.35 16.68
C ALA A 358 3.32 11.53 16.76
N GLN A 359 2.99 12.62 16.08
CA GLN A 359 3.86 13.80 16.11
C GLN A 359 4.02 14.34 17.53
N SER A 360 2.91 14.43 18.27
N SER A 360 2.91 14.44 18.27
CA SER A 360 3.03 14.98 19.62
CA SER A 360 2.97 14.95 19.63
C SER A 360 3.64 13.99 20.62
C SER A 360 3.72 14.00 20.55
N THR A 361 3.58 12.70 20.33
CA THR A 361 4.20 11.70 21.20
C THR A 361 5.70 11.59 20.98
N VAL A 362 6.14 11.66 19.72
CA VAL A 362 7.56 11.48 19.40
C VAL A 362 8.19 12.87 19.48
N VAL A 363 8.56 13.25 20.70
CA VAL A 363 9.17 14.56 20.92
C VAL A 363 10.65 14.54 20.58
N GLN A 364 11.36 13.54 21.09
CA GLN A 364 12.80 13.50 20.97
C GLN A 364 13.25 13.21 19.53
N ASP A 365 14.16 14.04 19.03
CA ASP A 365 14.81 13.83 17.73
C ASP A 365 16.01 12.90 17.95
N ASP A 366 15.86 11.63 17.52
CA ASP A 366 16.86 10.61 17.82
C ASP A 366 16.59 9.38 16.95
N PRO A 367 17.45 9.09 15.98
CA PRO A 367 17.18 7.95 15.08
C PRO A 367 17.35 6.60 15.74
N ARG A 368 17.89 6.54 16.96
CA ARG A 368 18.03 5.28 17.70
C ARG A 368 16.87 5.05 18.66
N LEU A 369 15.97 6.01 18.79
CA LEU A 369 14.84 5.90 19.69
C LEU A 369 13.61 5.55 18.88
N VAL A 370 12.80 4.63 19.41
CA VAL A 370 11.58 4.22 18.74
C VAL A 370 10.41 4.35 19.69
N HIS A 371 9.35 4.99 19.23
CA HIS A 371 8.04 4.90 19.86
C HIS A 371 7.25 3.90 19.04
N LEU A 372 6.85 2.81 19.68
CA LEU A 372 6.12 1.74 19.03
C LEU A 372 4.63 1.96 19.30
N PHE A 373 3.87 2.16 18.23
CA PHE A 373 2.43 2.31 18.34
C PHE A 373 1.81 0.96 18.03
N SER A 374 1.10 0.40 19.01
CA SER A 374 0.51 -0.92 18.89
C SER A 374 -1.00 -0.82 18.92
N TRP A 375 -1.66 -1.61 18.07
CA TRP A 375 -3.10 -1.58 18.00
C TRP A 375 -3.63 -2.99 17.75
N GLU A 376 -4.65 -3.37 18.50
CA GLU A 376 -5.43 -4.58 18.26
C GLU A 376 -6.90 -4.21 18.20
N PRO A 377 -7.68 -4.89 17.35
CA PRO A 377 -9.11 -4.61 17.28
C PRO A 377 -9.76 -4.59 18.65
N GLY A 378 -10.67 -3.62 18.85
CA GLY A 378 -11.38 -3.48 20.10
C GLY A 378 -10.66 -2.69 21.18
N GLY A 379 -9.50 -2.11 20.88
CA GLY A 379 -8.76 -1.33 21.84
C GLY A 379 -8.23 -0.06 21.22
N PRO A 380 -7.60 0.79 22.02
CA PRO A 380 -6.96 2.00 21.49
C PRO A 380 -5.55 1.70 21.01
N VAL A 381 -4.99 2.68 20.30
CA VAL A 381 -3.57 2.65 19.96
C VAL A 381 -2.76 3.02 21.20
N THR A 382 -1.82 2.15 21.57
CA THR A 382 -0.99 2.35 22.75
C THR A 382 0.46 2.52 22.31
N VAL A 383 1.27 3.05 23.22
CA VAL A 383 2.65 3.44 22.89
C VAL A 383 3.61 2.83 23.89
N SER A 384 4.73 2.32 23.36
CA SER A 384 5.86 1.91 24.19
C SER A 384 7.14 2.47 23.56
N VAL A 385 8.16 2.60 24.39
CA VAL A 385 9.40 3.27 23.99
C VAL A 385 10.54 2.25 24.01
N HIS A 386 11.36 2.27 22.96
CA HIS A 386 12.43 1.30 22.76
C HIS A 386 13.65 2.00 22.18
N ARG A 387 14.83 1.44 22.44
CA ARG A 387 16.06 2.01 21.89
C ARG A 387 16.88 0.95 21.18
N ASP A 388 17.51 1.36 20.08
CA ASP A 388 18.45 0.52 19.35
C ASP A 388 17.80 -0.78 18.87
N ALA A 389 18.59 -1.83 18.69
CA ALA A 389 18.05 -3.07 18.17
C ALA A 389 17.14 -3.73 19.21
N PRO A 390 16.08 -4.43 18.77
CA PRO A 390 15.73 -4.70 17.37
C PRO A 390 14.85 -3.63 16.70
N TYR A 391 14.25 -2.74 17.49
CA TYR A 391 13.19 -1.89 16.94
C TYR A 391 13.74 -0.73 16.11
N ALA A 392 14.89 -0.19 16.45
CA ALA A 392 15.44 0.92 15.69
C ALA A 392 15.64 0.49 14.24
N PHE A 393 15.15 1.32 13.31
CA PHE A 393 15.04 0.91 11.92
C PHE A 393 15.73 1.83 10.94
N LEU A 394 16.16 3.03 11.35
CA LEU A 394 16.90 3.90 10.45
C LEU A 394 18.35 3.43 10.41
N PRO A 395 18.84 2.97 9.25
CA PRO A 395 20.20 2.40 9.19
C PRO A 395 21.26 3.48 9.25
N SER A 396 22.44 3.10 9.75
CA SER A 396 23.51 4.08 9.85
C SER A 396 23.90 4.62 8.48
N TRP A 397 23.75 3.83 7.41
CA TRP A 397 24.14 4.38 6.10
C TRP A 397 23.25 5.54 5.71
N TYR A 398 22.02 5.56 6.21
CA TYR A 398 21.14 6.69 5.99
C TYR A 398 21.47 7.82 6.97
N VAL A 399 21.53 7.49 8.26
CA VAL A 399 21.73 8.49 9.30
C VAL A 399 23.04 9.24 9.08
N GLU A 400 24.12 8.49 8.81
CA GLU A 400 25.43 9.13 8.67
C GLU A 400 25.46 10.07 7.48
N THR A 401 24.86 9.68 6.36
CA THR A 401 24.86 10.55 5.20
C THR A 401 24.04 11.80 5.45
N MET A 402 22.85 11.64 6.04
CA MET A 402 22.00 12.80 6.33
C MET A 402 22.64 13.72 7.37
N THR A 403 23.39 13.14 8.32
CA THR A 403 24.06 13.95 9.34
C THR A 403 25.17 14.81 8.74
N GLN A 404 25.93 14.26 7.80
CA GLN A 404 27.06 14.98 7.23
C GLN A 404 26.60 16.11 6.31
#